data_7WWD
#
_entry.id   7WWD
#
_cell.length_a   43.403
_cell.length_b   78.278
_cell.length_c   54.166
_cell.angle_alpha   90.000
_cell.angle_beta   94.113
_cell.angle_gamma   90.000
#
_symmetry.space_group_name_H-M   'P 1 21 1'
#
loop_
_entity.id
_entity.type
_entity.pdbx_description
1 polymer 'Phosphatidylinositol transfer protein CSR1'
2 non-polymer (6E,10E,14E,18E)-2,6,10,15,19,23-hexamethyltetracosa-2,6,10,14,18,22-hexaene
3 water water
#
_entity_poly.entity_id   1
_entity_poly.type   'polypeptide(L)'
_entity_poly.pdbx_seq_one_letter_code
;GSAMGSFDRQLTEDQEVVLKQIWTHLFHLWQVPVDGTHIFPNNSLHSKKKSSWFSKLQDSSEAAEAAHLYEKGKIHKALA
NLDPQTTKKQFWHDIKNETPDATILKFIRARKWNADKTIAMLGHDLYWRKDTINKIINGGERAVYENNETGVIKNLELQK
ATIQGYDNDMRPVILVRPRLHHSSDQTEQELEKFSLLVIEQSKLFFKENYPASTTILFDLNGFSMSNMDYAPVKFLITCF
EAHYPESLGHLLIHKAPWIFNPIWNIIKNWLDPVVASKIVFTKNIDELHKFIQPQYIPRYLGGENDNDLDHYTPPDGSLD
VHLKDTETRAMIEKEREELVEQFLTVTAQWIEHQPLNDPAYIQLQEKRVQLSTALCENYSKLDPYIRSRSVYDYNGSLKV
;
_entity_poly.pdbx_strand_id   A
#
# COMPACT_ATOMS: atom_id res chain seq x y z
N GLN A 10 13.83 -10.72 -13.45
CA GLN A 10 13.02 -11.73 -14.12
C GLN A 10 12.68 -12.86 -13.14
N LEU A 11 11.91 -13.84 -13.59
CA LEU A 11 11.45 -14.91 -12.72
C LEU A 11 11.88 -16.27 -13.26
N THR A 12 12.04 -17.20 -12.33
CA THR A 12 12.39 -18.54 -12.77
C THR A 12 11.18 -19.27 -13.32
N GLU A 13 11.45 -20.42 -13.90
CA GLU A 13 10.38 -21.18 -14.55
C GLU A 13 9.32 -21.61 -13.55
N ASP A 14 9.71 -22.27 -12.44
CA ASP A 14 8.70 -22.70 -11.48
C ASP A 14 8.04 -21.53 -10.78
N GLN A 15 8.67 -20.35 -10.78
CA GLN A 15 7.99 -19.16 -10.29
C GLN A 15 6.95 -18.67 -11.30
N GLU A 16 7.34 -18.61 -12.58
CA GLU A 16 6.40 -18.28 -13.64
C GLU A 16 5.18 -19.17 -13.57
N VAL A 17 5.38 -20.46 -13.26
CA VAL A 17 4.23 -21.35 -13.19
C VAL A 17 3.26 -20.88 -12.11
N VAL A 18 3.78 -20.57 -10.92
CA VAL A 18 2.96 -20.12 -9.79
C VAL A 18 2.18 -18.86 -10.18
N LEU A 19 2.87 -17.86 -10.72
CA LEU A 19 2.21 -16.62 -11.13
C LEU A 19 1.11 -16.88 -12.17
N LYS A 20 1.37 -17.75 -13.14
CA LYS A 20 0.32 -18.07 -14.11
C LYS A 20 -0.88 -18.73 -13.44
N GLN A 21 -0.65 -19.62 -12.49
CA GLN A 21 -1.78 -20.30 -11.85
C GLN A 21 -2.63 -19.33 -11.04
N ILE A 22 -1.98 -18.35 -10.40
CA ILE A 22 -2.73 -17.31 -9.70
C ILE A 22 -3.63 -16.55 -10.68
N TRP A 23 -3.03 -16.06 -11.78
CA TRP A 23 -3.84 -15.39 -12.79
C TRP A 23 -4.97 -16.28 -13.29
N THR A 24 -4.71 -17.58 -13.45
CA THR A 24 -5.71 -18.51 -13.98
C THR A 24 -6.89 -18.65 -13.01
N HIS A 25 -6.61 -18.72 -11.70
CA HIS A 25 -7.70 -18.74 -10.71
C HIS A 25 -8.53 -17.46 -10.77
N LEU A 26 -7.86 -16.31 -10.85
CA LEU A 26 -8.58 -15.04 -10.99
C LEU A 26 -9.42 -15.03 -12.27
N PHE A 27 -8.86 -15.53 -13.38
CA PHE A 27 -9.55 -15.50 -14.68
C PHE A 27 -10.75 -16.42 -14.69
N HIS A 28 -10.68 -17.55 -13.98
CA HIS A 28 -11.86 -18.39 -13.87
C HIS A 28 -12.92 -17.67 -13.06
N LEU A 29 -12.51 -16.92 -12.02
CA LEU A 29 -13.50 -16.12 -11.29
C LEU A 29 -14.12 -15.03 -12.15
N TRP A 30 -13.34 -14.37 -13.01
CA TRP A 30 -13.83 -13.25 -13.80
C TRP A 30 -14.37 -13.67 -15.17
N GLN A 31 -14.44 -14.97 -15.44
CA GLN A 31 -14.96 -15.47 -16.71
C GLN A 31 -14.07 -15.05 -17.90
N VAL A 32 -12.75 -15.00 -17.68
CA VAL A 32 -11.80 -14.78 -18.76
C VAL A 32 -11.33 -16.14 -19.27
N PRO A 33 -11.56 -16.47 -20.55
CA PRO A 33 -11.24 -17.82 -21.04
C PRO A 33 -9.75 -18.07 -20.98
N VAL A 34 -9.37 -19.15 -20.31
CA VAL A 34 -7.96 -19.51 -20.23
C VAL A 34 -7.87 -21.01 -20.02
N ASP A 35 -6.80 -21.57 -20.56
CA ASP A 35 -6.46 -22.97 -20.33
C ASP A 35 -5.20 -22.99 -19.46
N GLY A 36 -5.33 -23.59 -18.27
CA GLY A 36 -4.24 -23.69 -17.33
C GLY A 36 -3.46 -25.00 -17.39
N THR A 37 -3.75 -25.85 -18.36
CA THR A 37 -3.16 -27.16 -18.49
C THR A 37 -1.68 -27.11 -18.83
N HIS A 38 -1.21 -26.04 -19.44
CA HIS A 38 0.08 -26.27 -20.09
C HIS A 38 1.24 -25.53 -19.44
N ILE A 39 1.12 -25.28 -18.14
CA ILE A 39 2.21 -24.58 -17.48
C ILE A 39 2.73 -25.32 -16.25
N LYS A 74 -14.47 -25.84 -10.60
CA LYS A 74 -13.45 -25.23 -11.46
C LYS A 74 -13.15 -23.83 -10.98
N ILE A 75 -13.90 -22.94 -10.28
CA ILE A 75 -13.37 -21.80 -9.54
C ILE A 75 -12.84 -22.29 -8.20
N HIS A 76 -11.72 -21.74 -7.77
CA HIS A 76 -11.05 -22.15 -6.55
C HIS A 76 -11.92 -21.88 -5.32
N LYS A 77 -11.68 -22.69 -4.29
CA LYS A 77 -12.46 -22.56 -3.05
C LYS A 77 -12.37 -21.14 -2.46
N ALA A 78 -11.20 -20.52 -2.58
CA ALA A 78 -11.00 -19.15 -2.07
C ALA A 78 -11.84 -18.11 -2.81
N LEU A 79 -12.23 -18.37 -4.05
CA LEU A 79 -12.95 -17.39 -4.85
C LEU A 79 -14.42 -17.75 -5.04
N ALA A 80 -14.85 -18.93 -4.59
CA ALA A 80 -16.19 -19.39 -4.89
C ALA A 80 -17.28 -18.58 -4.21
N ASN A 81 -16.92 -17.70 -3.28
CA ASN A 81 -17.90 -16.88 -2.57
C ASN A 81 -17.66 -15.40 -2.78
N LEU A 82 -17.17 -15.03 -3.96
CA LEU A 82 -16.98 -13.64 -4.35
C LEU A 82 -17.85 -13.36 -5.57
N ASP A 83 -18.25 -12.10 -5.74
CA ASP A 83 -18.99 -11.66 -6.94
C ASP A 83 -18.01 -11.37 -8.07
N PRO A 84 -18.08 -12.07 -9.24
CA PRO A 84 -17.14 -11.83 -10.35
C PRO A 84 -16.91 -10.38 -10.73
N GLN A 85 -18.01 -9.65 -11.01
CA GLN A 85 -18.02 -8.27 -11.48
C GLN A 85 -17.34 -7.33 -10.49
N THR A 86 -17.90 -7.36 -9.27
CA THR A 86 -17.42 -6.57 -8.14
C THR A 86 -15.92 -6.77 -7.91
N THR A 87 -15.49 -8.04 -7.89
CA THR A 87 -14.05 -8.33 -7.68
C THR A 87 -13.19 -7.80 -8.81
N LYS A 88 -13.58 -8.05 -10.06
CA LYS A 88 -12.80 -7.56 -11.19
C LYS A 88 -12.67 -6.04 -11.14
N LYS A 89 -13.79 -5.34 -10.94
CA LYS A 89 -13.77 -3.88 -10.92
C LYS A 89 -12.91 -3.34 -9.79
N GLN A 90 -13.11 -3.88 -8.58
CA GLN A 90 -12.32 -3.41 -7.43
C GLN A 90 -10.83 -3.71 -7.60
N PHE A 91 -10.50 -4.92 -8.06
CA PHE A 91 -9.10 -5.28 -8.30
C PHE A 91 -8.44 -4.27 -9.22
N TRP A 92 -9.07 -3.97 -10.35
CA TRP A 92 -8.41 -3.05 -11.27
C TRP A 92 -8.47 -1.58 -10.83
N HIS A 93 -9.40 -1.19 -9.95
CA HIS A 93 -9.26 0.14 -9.35
C HIS A 93 -8.09 0.21 -8.36
N ASP A 94 -7.87 -0.85 -7.57
CA ASP A 94 -6.80 -0.83 -6.58
C ASP A 94 -5.41 -0.86 -7.23
N ILE A 95 -5.29 -1.38 -8.45
CA ILE A 95 -4.02 -1.24 -9.17
C ILE A 95 -3.85 0.24 -9.51
N LYS A 96 -2.86 0.91 -8.91
CA LYS A 96 -2.61 2.30 -9.30
C LYS A 96 -1.24 2.50 -9.90
N ASN A 97 -0.16 2.42 -9.12
CA ASN A 97 1.17 2.75 -9.62
C ASN A 97 2.05 1.53 -9.72
N GLU A 98 1.52 0.35 -9.41
CA GLU A 98 2.25 -0.89 -9.53
C GLU A 98 1.66 -1.69 -10.70
N THR A 99 2.55 -2.42 -11.39
CA THR A 99 2.11 -3.33 -12.43
C THR A 99 1.21 -4.41 -11.85
N PRO A 100 0.42 -5.07 -12.68
CA PRO A 100 -0.39 -6.19 -12.18
C PRO A 100 0.45 -7.34 -11.63
N ASP A 101 1.51 -7.74 -12.36
CA ASP A 101 2.36 -8.84 -11.91
C ASP A 101 2.94 -8.55 -10.53
N ALA A 102 3.44 -7.34 -10.32
CA ALA A 102 4.04 -7.01 -9.03
C ALA A 102 3.02 -7.06 -7.90
N THR A 103 1.81 -6.56 -8.16
CA THR A 103 0.74 -6.60 -7.17
C THR A 103 0.46 -8.03 -6.73
N ILE A 104 0.35 -8.95 -7.69
CA ILE A 104 0.13 -10.36 -7.40
C ILE A 104 1.35 -11.01 -6.74
N LEU A 105 2.54 -10.61 -7.16
CA LEU A 105 3.74 -11.25 -6.63
C LEU A 105 3.95 -10.90 -5.16
N LYS A 106 3.45 -9.75 -4.72
CA LYS A 106 3.48 -9.45 -3.29
C LYS A 106 2.76 -10.54 -2.49
N PHE A 107 1.54 -10.91 -2.92
CA PHE A 107 0.81 -11.98 -2.26
C PHE A 107 1.54 -13.32 -2.39
N ILE A 108 2.12 -13.58 -3.55
CA ILE A 108 2.83 -14.86 -3.77
C ILE A 108 4.01 -15.03 -2.82
N ARG A 109 4.89 -14.01 -2.74
CA ARG A 109 6.03 -14.11 -1.84
C ARG A 109 5.58 -14.19 -0.38
N ALA A 110 4.58 -13.37 -0.01
CA ALA A 110 4.12 -13.41 1.37
C ALA A 110 3.68 -14.82 1.77
N ARG A 111 3.19 -15.60 0.82
CA ARG A 111 2.83 -17.00 1.06
C ARG A 111 3.87 -17.99 0.51
N LYS A 112 5.13 -17.57 0.43
CA LYS A 112 6.27 -18.45 0.19
C LYS A 112 6.12 -19.29 -1.07
N TRP A 113 5.52 -18.72 -2.11
CA TRP A 113 5.32 -19.35 -3.42
C TRP A 113 4.44 -20.60 -3.37
N ASN A 114 3.56 -20.71 -2.37
CA ASN A 114 2.54 -21.77 -2.38
C ASN A 114 1.26 -21.23 -3.02
N ALA A 115 0.86 -21.82 -4.13
CA ALA A 115 -0.20 -21.26 -4.96
C ALA A 115 -1.55 -21.26 -4.23
N ASP A 116 -1.88 -22.36 -3.56
CA ASP A 116 -3.17 -22.43 -2.88
C ASP A 116 -3.27 -21.38 -1.78
N LYS A 117 -2.24 -21.32 -0.93
CA LYS A 117 -2.20 -20.31 0.13
C LYS A 117 -2.23 -18.89 -0.44
N THR A 118 -1.58 -18.67 -1.58
CA THR A 118 -1.59 -17.34 -2.20
C THR A 118 -2.99 -16.97 -2.69
N ILE A 119 -3.67 -17.90 -3.37
CA ILE A 119 -5.02 -17.57 -3.80
C ILE A 119 -5.97 -17.44 -2.61
N ALA A 120 -5.67 -18.10 -1.49
CA ALA A 120 -6.54 -17.98 -0.31
C ALA A 120 -6.38 -16.61 0.33
N MET A 121 -5.14 -16.17 0.53
CA MET A 121 -4.89 -14.82 1.05
C MET A 121 -5.45 -13.74 0.12
N LEU A 122 -5.30 -13.91 -1.19
CA LEU A 122 -5.79 -12.90 -2.14
C LEU A 122 -7.31 -12.85 -2.15
N GLY A 123 -7.99 -13.99 -2.09
CA GLY A 123 -9.43 -13.98 -1.97
C GLY A 123 -9.89 -13.32 -0.69
N HIS A 124 -9.19 -13.62 0.41
CA HIS A 124 -9.52 -12.96 1.67
C HIS A 124 -9.40 -11.44 1.52
N ASP A 125 -8.29 -10.97 0.95
CA ASP A 125 -8.12 -9.52 0.79
C ASP A 125 -9.26 -8.95 -0.04
N LEU A 126 -9.54 -9.55 -1.20
CA LEU A 126 -10.59 -9.02 -2.06
C LEU A 126 -11.93 -8.96 -1.34
N TYR A 127 -12.24 -9.98 -0.54
CA TYR A 127 -13.46 -9.94 0.28
C TYR A 127 -13.45 -8.74 1.21
N TRP A 128 -12.34 -8.48 1.90
CA TRP A 128 -12.29 -7.44 2.95
C TRP A 128 -12.10 -6.04 2.40
N ARG A 129 -11.63 -5.89 1.19
CA ARG A 129 -11.31 -4.53 0.72
C ARG A 129 -12.51 -3.84 0.12
N LYS A 130 -13.24 -4.57 -0.73
CA LYS A 130 -14.32 -4.01 -1.58
C LYS A 130 -13.92 -2.63 -2.11
N ASP A 131 -14.62 -1.54 -1.79
CA ASP A 131 -14.29 -0.20 -2.33
C ASP A 131 -14.11 0.78 -1.20
N THR A 132 -13.87 0.31 0.02
CA THR A 132 -13.78 1.18 1.21
C THR A 132 -12.46 1.94 1.27
N ILE A 133 -11.34 1.28 1.00
CA ILE A 133 -10.06 1.94 1.10
C ILE A 133 -9.86 2.90 -0.06
N ASN A 134 -10.32 2.53 -1.25
CA ASN A 134 -10.23 3.40 -2.42
C ASN A 134 -11.02 4.68 -2.19
N LYS A 135 -12.19 4.57 -1.56
CA LYS A 135 -12.94 5.76 -1.17
C LYS A 135 -12.15 6.59 -0.18
N ILE A 136 -11.44 5.94 0.75
CA ILE A 136 -10.67 6.68 1.76
C ILE A 136 -9.58 7.51 1.12
N ILE A 137 -8.75 6.87 0.28
CA ILE A 137 -7.64 7.57 -0.38
C ILE A 137 -8.16 8.59 -1.40
N ASN A 138 -9.29 8.34 -2.07
CA ASN A 138 -9.74 9.30 -3.06
C ASN A 138 -10.35 10.54 -2.42
N GLY A 139 -11.12 10.35 -1.33
CA GLY A 139 -11.66 11.52 -0.64
C GLY A 139 -10.60 12.33 0.08
N GLY A 140 -9.49 11.68 0.49
CA GLY A 140 -8.41 12.44 1.09
C GLY A 140 -8.80 13.06 2.43
N GLU A 141 -7.93 13.95 2.89
CA GLU A 141 -8.24 14.74 4.09
C GLU A 141 -9.45 15.63 3.87
N ARG A 142 -9.66 16.08 2.63
CA ARG A 142 -10.76 17.00 2.32
C ARG A 142 -12.10 16.40 2.70
N ALA A 143 -12.35 15.16 2.27
CA ALA A 143 -13.62 14.52 2.59
C ALA A 143 -13.78 14.37 4.09
N VAL A 144 -12.69 14.00 4.78
CA VAL A 144 -12.72 13.82 6.23
C VAL A 144 -13.18 15.11 6.90
N TYR A 145 -12.63 16.24 6.47
CA TYR A 145 -13.07 17.54 7.00
C TYR A 145 -14.51 17.85 6.61
N GLU A 146 -14.86 17.63 5.35
CA GLU A 146 -16.18 18.05 4.85
C GLU A 146 -17.28 17.29 5.55
N ASN A 147 -17.02 16.05 5.95
CA ASN A 147 -18.01 15.27 6.67
C ASN A 147 -17.77 15.31 8.16
N ASN A 148 -16.89 16.21 8.63
CA ASN A 148 -16.66 16.47 10.06
C ASN A 148 -16.40 15.19 10.83
N GLU A 149 -15.38 14.43 10.41
CA GLU A 149 -15.05 13.19 11.11
C GLU A 149 -14.05 13.54 12.22
N THR A 150 -14.57 13.82 13.41
CA THR A 150 -13.81 14.54 14.43
C THR A 150 -12.56 13.76 14.88
N GLY A 151 -12.69 12.45 15.14
CA GLY A 151 -11.52 11.67 15.55
C GLY A 151 -10.42 11.62 14.49
N VAL A 152 -10.79 11.31 13.24
CA VAL A 152 -9.85 11.34 12.12
C VAL A 152 -9.16 12.70 12.07
N ILE A 153 -9.96 13.76 12.23
CA ILE A 153 -9.44 15.12 12.13
C ILE A 153 -8.42 15.38 13.24
N LYS A 154 -8.72 14.94 14.45
CA LYS A 154 -7.78 15.17 15.52
C LYS A 154 -6.49 14.42 15.27
N ASN A 155 -6.54 13.22 14.70
CA ASN A 155 -5.30 12.52 14.39
C ASN A 155 -4.50 13.27 13.32
N LEU A 156 -5.18 13.74 12.26
CA LEU A 156 -4.53 14.56 11.25
C LEU A 156 -3.89 15.81 11.86
N GLU A 157 -4.65 16.52 12.68
CA GLU A 157 -4.14 17.79 13.23
C GLU A 157 -2.99 17.59 14.23
N LEU A 158 -2.99 16.50 14.97
CA LEU A 158 -1.89 16.19 15.86
C LEU A 158 -0.66 15.72 15.08
N GLN A 159 -0.79 15.44 13.79
CA GLN A 159 0.33 14.94 13.00
C GLN A 159 0.93 13.70 13.67
N LYS A 160 0.04 12.81 14.09
CA LYS A 160 0.44 11.62 14.84
C LYS A 160 1.25 10.68 13.95
N ALA A 161 0.85 10.57 12.67
CA ALA A 161 1.53 9.76 11.68
C ALA A 161 1.67 10.59 10.41
N THR A 162 2.89 10.86 10.00
CA THR A 162 3.07 11.73 8.85
C THR A 162 4.18 11.19 7.97
N ILE A 163 4.01 11.27 6.65
CA ILE A 163 5.09 10.88 5.75
C ILE A 163 6.13 11.98 5.71
N GLN A 164 7.37 11.64 6.04
CA GLN A 164 8.41 12.66 6.20
C GLN A 164 9.56 12.52 5.21
N GLY A 165 9.43 11.69 4.17
CA GLY A 165 10.48 11.54 3.19
C GLY A 165 10.77 10.07 2.93
N TYR A 166 11.97 9.79 2.43
CA TYR A 166 12.38 8.46 2.01
C TYR A 166 13.54 7.95 2.86
N ASP A 167 13.62 6.63 3.03
CA ASP A 167 14.77 5.99 3.67
C ASP A 167 15.87 5.78 2.63
N ASN A 168 16.95 5.08 3.03
CA ASN A 168 18.15 4.94 2.19
C ASN A 168 17.94 4.06 0.96
N ASP A 169 16.87 3.25 0.93
CA ASP A 169 16.52 2.48 -0.26
C ASP A 169 15.40 3.13 -1.07
N MET A 170 15.10 4.41 -0.85
CA MET A 170 14.00 5.11 -1.49
C MET A 170 12.66 4.49 -1.16
N ARG A 171 12.53 3.96 0.07
CA ARG A 171 11.17 3.70 0.52
C ARG A 171 10.59 4.93 1.21
N PRO A 172 9.29 5.18 1.09
CA PRO A 172 8.65 6.23 1.91
C PRO A 172 8.73 5.88 3.38
N VAL A 173 8.86 6.92 4.21
CA VAL A 173 9.03 6.79 5.66
C VAL A 173 7.86 7.49 6.37
N ILE A 174 7.20 6.76 7.26
CA ILE A 174 6.12 7.29 8.09
C ILE A 174 6.65 7.55 9.50
N LEU A 175 6.54 8.79 9.97
CA LEU A 175 6.91 9.16 11.33
C LEU A 175 5.68 9.02 12.23
N VAL A 176 5.75 8.09 13.19
CA VAL A 176 4.74 7.89 14.20
C VAL A 176 5.30 8.34 15.54
N ARG A 177 4.52 9.14 16.27
CA ARG A 177 4.94 9.69 17.56
C ARG A 177 3.91 9.27 18.60
N PRO A 178 4.11 8.11 19.24
CA PRO A 178 3.09 7.60 20.17
C PRO A 178 2.81 8.53 21.35
N ARG A 179 3.75 9.40 21.70
CA ARG A 179 3.54 10.35 22.79
C ARG A 179 2.36 11.29 22.55
N LEU A 180 1.91 11.45 21.31
CA LEU A 180 0.72 12.23 21.01
C LEU A 180 -0.56 11.42 21.07
N HIS A 181 -0.50 10.14 21.41
CA HIS A 181 -1.68 9.29 21.32
C HIS A 181 -2.41 9.21 22.65
N HIS A 182 -3.74 9.30 22.58
CA HIS A 182 -4.62 9.12 23.73
C HIS A 182 -5.85 8.39 23.23
N SER A 183 -6.11 7.22 23.82
CA SER A 183 -7.21 6.35 23.41
C SER A 183 -8.53 7.10 23.32
N SER A 184 -8.71 8.11 24.17
CA SER A 184 -9.94 8.90 24.26
C SER A 184 -10.10 9.91 23.12
N ASP A 185 -9.04 10.16 22.35
CA ASP A 185 -9.10 11.15 21.27
C ASP A 185 -10.00 10.73 20.11
N GLN A 186 -10.21 9.43 19.93
CA GLN A 186 -10.98 8.96 18.78
C GLN A 186 -11.56 7.61 19.12
N THR A 187 -12.54 7.18 18.34
CA THR A 187 -12.93 5.79 18.35
C THR A 187 -11.86 4.94 17.68
N GLU A 188 -11.90 3.64 17.93
CA GLU A 188 -10.99 2.74 17.24
C GLU A 188 -11.26 2.73 15.73
N GLN A 189 -12.53 2.83 15.32
CA GLN A 189 -12.83 2.85 13.91
C GLN A 189 -12.24 4.09 13.24
N GLU A 190 -12.31 5.23 13.92
CA GLU A 190 -11.65 6.42 13.40
C GLU A 190 -10.14 6.22 13.33
N LEU A 191 -9.55 5.66 14.38
CA LEU A 191 -8.08 5.43 14.45
C LEU A 191 -7.64 4.57 13.27
N GLU A 192 -8.42 3.54 12.97
CA GLU A 192 -8.18 2.57 11.89
C GLU A 192 -8.36 3.25 10.54
N LYS A 193 -9.41 4.05 10.39
CA LYS A 193 -9.63 4.76 9.12
C LYS A 193 -8.47 5.72 8.87
N PHE A 194 -8.00 6.41 9.90
CA PHE A 194 -6.84 7.31 9.79
C PHE A 194 -5.59 6.49 9.42
N SER A 195 -5.39 5.36 10.06
CA SER A 195 -4.21 4.54 9.78
C SER A 195 -4.21 4.09 8.33
N LEU A 196 -5.37 3.63 7.85
CA LEU A 196 -5.50 3.19 6.48
C LEU A 196 -5.20 4.32 5.51
N LEU A 197 -5.67 5.53 5.83
CA LEU A 197 -5.43 6.68 4.98
C LEU A 197 -3.93 6.96 4.88
N VAL A 198 -3.23 6.95 6.01
CA VAL A 198 -1.80 7.24 5.98
C VAL A 198 -1.05 6.18 5.18
N ILE A 199 -1.36 4.90 5.43
CA ILE A 199 -0.72 3.81 4.70
C ILE A 199 -0.89 3.99 3.20
N GLU A 200 -2.14 4.26 2.79
CA GLU A 200 -2.45 4.40 1.39
C GLU A 200 -1.69 5.57 0.80
N GLN A 201 -1.66 6.69 1.53
CA GLN A 201 -0.91 7.85 1.05
C GLN A 201 0.55 7.49 0.78
N SER A 202 1.16 6.70 1.67
CA SER A 202 2.57 6.38 1.45
C SER A 202 2.76 5.43 0.26
N LYS A 203 1.73 4.67 -0.08
CA LYS A 203 1.83 3.88 -1.30
C LYS A 203 2.02 4.77 -2.54
N LEU A 204 1.48 5.98 -2.53
CA LEU A 204 1.60 6.86 -3.69
C LEU A 204 3.01 7.42 -3.85
N PHE A 205 3.84 7.37 -2.81
CA PHE A 205 5.25 7.77 -2.85
C PHE A 205 6.18 6.70 -3.47
N PHE A 206 5.71 5.47 -3.68
CA PHE A 206 6.56 4.41 -4.24
C PHE A 206 7.18 4.86 -5.55
N LYS A 207 8.50 4.70 -5.67
CA LYS A 207 9.24 5.09 -6.86
C LYS A 207 9.47 3.88 -7.75
N GLU A 208 9.42 4.09 -9.06
CA GLU A 208 9.78 3.27 -10.21
C GLU A 208 11.10 2.54 -9.94
N ASN A 209 11.29 1.22 -10.01
CA ASN A 209 12.56 0.52 -9.82
C ASN A 209 13.08 0.59 -8.40
N TYR A 210 12.23 0.87 -7.43
CA TYR A 210 12.63 0.87 -6.03
C TYR A 210 11.60 0.08 -5.23
N PRO A 211 11.97 -0.40 -4.05
CA PRO A 211 11.07 -1.32 -3.34
C PRO A 211 9.73 -0.66 -3.02
N ALA A 212 8.67 -1.40 -3.30
CA ALA A 212 7.30 -0.91 -3.14
C ALA A 212 6.83 -1.23 -1.73
N SER A 213 7.42 -0.52 -0.76
CA SER A 213 7.13 -0.77 0.64
C SER A 213 7.48 0.46 1.48
N THR A 214 6.92 0.50 2.67
CA THR A 214 6.98 1.65 3.54
C THR A 214 7.78 1.33 4.79
N THR A 215 8.72 2.21 5.11
CA THR A 215 9.44 2.12 6.36
C THR A 215 8.73 2.97 7.43
N ILE A 216 8.72 2.49 8.67
CA ILE A 216 8.05 3.17 9.75
C ILE A 216 9.05 3.54 10.84
N LEU A 217 9.12 4.82 11.19
CA LEU A 217 9.92 5.32 12.30
C LEU A 217 8.98 5.62 13.46
N PHE A 218 9.03 4.78 14.51
CA PHE A 218 8.27 5.01 15.75
C PHE A 218 9.16 5.75 16.75
N ASP A 219 8.90 7.03 16.95
CA ASP A 219 9.69 7.84 17.87
C ASP A 219 9.04 7.77 19.25
N LEU A 220 9.66 7.03 20.16
CA LEU A 220 9.10 6.78 21.48
C LEU A 220 9.53 7.82 22.51
N ASN A 221 10.25 8.87 22.09
CA ASN A 221 10.58 10.00 22.97
C ASN A 221 9.32 10.53 23.65
N GLY A 222 9.34 10.61 24.97
CA GLY A 222 8.19 11.14 25.67
C GLY A 222 7.01 10.21 25.76
N PHE A 223 7.16 8.97 25.30
CA PHE A 223 6.12 7.95 25.47
C PHE A 223 5.94 7.64 26.95
N SER A 224 4.67 7.59 27.39
CA SER A 224 4.20 7.26 28.72
C SER A 224 3.07 6.24 28.59
N MET A 225 2.76 5.51 29.67
CA MET A 225 1.64 4.56 29.64
C MET A 225 0.31 5.24 29.32
N SER A 226 0.17 6.55 29.61
CA SER A 226 -0.86 7.47 29.18
C SER A 226 -1.23 7.29 27.71
N ASN A 227 -0.21 6.91 26.93
CA ASN A 227 -0.24 6.84 25.47
C ASN A 227 -0.42 5.41 24.94
N MET A 228 -0.18 4.39 25.75
CA MET A 228 -0.26 3.03 25.27
C MET A 228 -1.69 2.64 24.95
N ASP A 229 -1.84 1.81 23.91
CA ASP A 229 -3.15 1.38 23.43
C ASP A 229 -2.89 0.10 22.63
N TYR A 230 -3.15 -1.05 23.25
CA TYR A 230 -2.83 -2.31 22.58
C TYR A 230 -3.71 -2.53 21.36
N ALA A 231 -4.93 -2.00 21.34
CA ALA A 231 -5.87 -2.21 20.23
C ALA A 231 -5.39 -1.71 18.87
N PRO A 232 -4.88 -0.48 18.66
CA PRO A 232 -4.43 -0.10 17.36
C PRO A 232 -3.15 -0.83 16.96
N VAL A 233 -2.35 -1.34 17.90
CA VAL A 233 -1.12 -2.15 17.62
C VAL A 233 -1.54 -3.44 16.92
N LYS A 234 -2.50 -4.07 17.55
CA LYS A 234 -3.08 -5.33 17.10
C LYS A 234 -3.69 -5.16 15.71
N PHE A 235 -4.38 -4.06 15.49
CA PHE A 235 -5.03 -3.80 14.21
C PHE A 235 -3.97 -3.63 13.14
N LEU A 236 -2.99 -2.84 13.48
CA LEU A 236 -1.96 -2.57 12.49
C LEU A 236 -1.12 -3.82 12.29
N ILE A 237 -1.00 -4.74 13.24
CA ILE A 237 -0.25 -5.98 12.91
C ILE A 237 -1.10 -6.83 11.99
N THR A 238 -2.34 -6.98 12.39
CA THR A 238 -3.31 -7.83 11.70
C THR A 238 -3.55 -7.34 10.28
N CYS A 239 -3.61 -6.03 10.11
CA CYS A 239 -3.94 -5.49 8.79
C CYS A 239 -2.76 -5.54 7.85
N PHE A 240 -1.51 -5.32 8.24
CA PHE A 240 -0.36 -5.45 7.31
C PHE A 240 -0.13 -6.91 6.92
N GLU A 241 -0.48 -7.84 7.79
CA GLU A 241 -0.32 -9.29 7.65
C GLU A 241 -1.29 -9.83 6.61
N ALA A 242 -2.50 -9.32 6.58
CA ALA A 242 -3.44 -9.95 5.66
C ALA A 242 -3.78 -9.05 4.49
N HIS A 243 -3.54 -7.75 4.58
CA HIS A 243 -3.99 -6.81 3.53
C HIS A 243 -2.89 -6.05 2.80
N TYR A 244 -1.67 -6.00 3.30
CA TYR A 244 -0.61 -5.30 2.59
C TYR A 244 0.64 -6.18 2.54
N PRO A 245 0.55 -7.33 1.85
CA PRO A 245 1.70 -8.24 1.79
C PRO A 245 2.95 -7.53 1.27
N GLU A 246 4.10 -7.84 1.88
CA GLU A 246 5.40 -7.40 1.34
C GLU A 246 5.47 -5.89 1.15
N SER A 247 4.87 -5.13 2.09
CA SER A 247 4.73 -3.69 2.06
C SER A 247 5.49 -3.03 3.19
N LEU A 248 6.21 -3.80 3.99
CA LEU A 248 6.95 -3.28 5.12
C LEU A 248 8.43 -3.29 4.77
N GLY A 249 9.11 -2.14 4.94
CA GLY A 249 10.54 -2.23 4.77
C GLY A 249 11.39 -2.36 6.03
N HIS A 250 11.37 -1.33 6.85
CA HIS A 250 12.10 -1.23 8.10
C HIS A 250 11.11 -0.82 9.18
N LEU A 251 11.31 -1.31 10.39
CA LEU A 251 10.48 -0.85 11.51
C LEU A 251 11.43 -0.28 12.57
N LEU A 252 11.58 1.02 12.59
CA LEU A 252 12.52 1.66 13.49
C LEU A 252 11.80 2.09 14.76
N ILE A 253 12.30 1.61 15.91
CA ILE A 253 11.79 1.96 17.24
C ILE A 253 12.89 2.74 17.97
N HIS A 254 12.65 4.04 18.10
CA HIS A 254 13.69 5.02 18.40
C HIS A 254 13.55 5.50 19.84
N LYS A 255 14.61 5.36 20.62
CA LYS A 255 14.69 5.87 21.99
C LYS A 255 13.53 5.34 22.84
N ALA A 256 13.33 4.02 22.75
CA ALA A 256 12.35 3.36 23.60
C ALA A 256 12.72 3.57 25.06
N PRO A 257 11.80 4.06 25.89
CA PRO A 257 12.07 4.16 27.32
C PRO A 257 11.90 2.81 28.02
N TRP A 258 12.34 2.75 29.28
CA TRP A 258 12.36 1.47 30.00
C TRP A 258 10.95 0.90 30.21
N ILE A 259 9.95 1.77 30.40
CA ILE A 259 8.57 1.31 30.54
C ILE A 259 8.08 0.55 29.31
N PHE A 260 8.76 0.67 28.18
CA PHE A 260 8.35 -0.05 26.98
C PHE A 260 8.81 -1.52 26.99
N ASN A 261 9.81 -1.91 27.77
CA ASN A 261 10.25 -3.30 27.64
C ASN A 261 9.17 -4.32 27.99
N PRO A 262 8.36 -4.19 29.05
CA PRO A 262 7.27 -5.16 29.23
C PRO A 262 6.25 -5.15 28.09
N ILE A 263 5.90 -3.97 27.57
CA ILE A 263 5.00 -3.89 26.42
C ILE A 263 5.60 -4.66 25.25
N TRP A 264 6.92 -4.49 25.03
CA TRP A 264 7.58 -5.20 23.95
C TRP A 264 7.48 -6.71 24.13
N ASN A 265 7.48 -7.18 25.38
CA ASN A 265 7.42 -8.62 25.60
C ASN A 265 6.06 -9.17 25.21
N ILE A 266 5.06 -8.30 25.14
CA ILE A 266 3.78 -8.73 24.62
C ILE A 266 3.77 -8.64 23.11
N ILE A 267 4.18 -7.48 22.57
CA ILE A 267 4.03 -7.22 21.15
C ILE A 267 4.85 -8.20 20.32
N LYS A 268 6.06 -8.55 20.78
CA LYS A 268 6.90 -9.51 20.06
C LYS A 268 6.20 -10.87 19.93
N ASN A 269 5.40 -11.24 20.93
CA ASN A 269 4.70 -12.51 20.82
C ASN A 269 3.70 -12.50 19.66
N TRP A 270 3.17 -11.33 19.31
CA TRP A 270 2.15 -11.29 18.27
C TRP A 270 2.75 -11.25 16.86
N LEU A 271 4.05 -11.12 16.72
CA LEU A 271 4.62 -10.86 15.41
C LEU A 271 5.02 -12.14 14.69
N ASP A 272 4.75 -12.16 13.40
CA ASP A 272 5.35 -13.24 12.64
C ASP A 272 6.84 -12.96 12.44
N PRO A 273 7.59 -14.02 12.11
CA PRO A 273 9.07 -13.86 12.07
C PRO A 273 9.60 -12.88 10.99
N VAL A 274 8.90 -12.70 9.87
CA VAL A 274 9.45 -11.74 8.89
C VAL A 274 9.26 -10.31 9.39
N VAL A 275 8.09 -9.96 9.93
CA VAL A 275 7.91 -8.63 10.52
C VAL A 275 8.88 -8.43 11.67
N ALA A 276 9.03 -9.44 12.56
CA ALA A 276 10.03 -9.38 13.62
C ALA A 276 11.44 -9.13 13.07
N SER A 277 11.76 -9.73 11.93
CA SER A 277 13.04 -9.49 11.28
C SER A 277 13.19 -8.05 10.86
N LYS A 278 12.08 -7.34 10.61
CA LYS A 278 12.19 -5.96 10.12
C LYS A 278 12.44 -4.90 11.21
N ILE A 279 12.43 -5.26 12.50
CA ILE A 279 12.44 -4.28 13.58
C ILE A 279 13.85 -3.98 14.06
N VAL A 280 14.15 -2.71 14.27
CA VAL A 280 15.46 -2.28 14.76
C VAL A 280 15.23 -1.23 15.84
N PHE A 281 15.91 -1.39 16.96
CA PHE A 281 15.89 -0.41 18.03
C PHE A 281 17.05 0.55 17.82
N THR A 282 16.76 1.83 17.86
CA THR A 282 17.81 2.82 17.71
C THR A 282 17.72 3.81 18.86
N LYS A 283 18.86 4.39 19.19
CA LYS A 283 19.02 5.18 20.41
C LYS A 283 19.62 6.56 20.21
N ASN A 284 20.18 6.83 19.04
CA ASN A 284 20.76 8.14 18.73
C ASN A 284 20.63 8.36 17.23
N ILE A 285 21.00 9.56 16.78
CA ILE A 285 20.86 9.92 15.38
C ILE A 285 21.86 9.17 14.50
N ASP A 286 23.02 8.79 15.04
CA ASP A 286 24.00 8.08 14.23
C ASP A 286 23.48 6.73 13.79
N GLU A 287 22.66 6.10 14.63
CA GLU A 287 22.04 4.83 14.26
C GLU A 287 20.97 5.04 13.18
N LEU A 288 20.13 6.06 13.35
CA LEU A 288 19.14 6.41 12.33
C LEU A 288 19.81 6.68 10.98
N HIS A 289 20.99 7.31 10.98
CA HIS A 289 21.69 7.61 9.73
C HIS A 289 21.89 6.37 8.86
N LYS A 290 22.04 5.20 9.49
CA LYS A 290 22.23 3.98 8.70
C LYS A 290 20.99 3.60 7.92
N PHE A 291 19.80 4.12 8.30
CA PHE A 291 18.56 3.84 7.57
C PHE A 291 17.95 5.04 6.83
N ILE A 292 18.24 6.28 7.22
CA ILE A 292 17.59 7.45 6.62
C ILE A 292 18.63 8.57 6.42
N GLN A 293 18.53 9.27 5.28
CA GLN A 293 19.45 10.37 5.02
C GLN A 293 19.11 11.58 5.91
N PRO A 294 20.12 12.33 6.34
CA PRO A 294 19.85 13.46 7.25
C PRO A 294 18.86 14.47 6.71
N GLN A 295 18.77 14.65 5.39
CA GLN A 295 17.79 15.58 4.81
C GLN A 295 16.35 15.16 5.10
N TYR A 296 16.13 13.90 5.48
CA TYR A 296 14.77 13.43 5.72
C TYR A 296 14.44 13.26 7.20
N ILE A 297 15.43 13.32 8.08
CA ILE A 297 15.19 13.10 9.51
C ILE A 297 14.78 14.44 10.14
N PRO A 298 13.68 14.48 10.91
CA PRO A 298 13.30 15.74 11.58
C PRO A 298 14.43 16.36 12.37
N ARG A 299 14.50 17.69 12.30
CA ARG A 299 15.47 18.46 13.08
C ARG A 299 15.46 18.07 14.55
N TYR A 300 14.27 17.92 15.14
CA TYR A 300 14.24 17.60 16.57
C TYR A 300 14.83 16.23 16.87
N LEU A 301 15.03 15.37 15.87
CA LEU A 301 15.68 14.08 16.10
C LEU A 301 17.17 14.11 15.81
N GLY A 302 17.71 15.24 15.36
CA GLY A 302 19.10 15.32 14.92
C GLY A 302 19.27 15.47 13.42
N GLY A 303 18.19 15.53 12.66
CA GLY A 303 18.29 15.61 11.21
C GLY A 303 18.22 17.04 10.72
N GLU A 304 18.00 17.17 9.40
CA GLU A 304 17.96 18.46 8.71
C GLU A 304 16.57 18.83 8.22
N ASN A 305 15.58 17.97 8.40
CA ASN A 305 14.21 18.21 7.94
C ASN A 305 13.53 19.20 8.87
N ASP A 306 13.30 20.41 8.36
CA ASP A 306 12.69 21.49 9.13
C ASP A 306 11.18 21.55 8.96
N ASN A 307 10.55 20.44 8.61
CA ASN A 307 9.11 20.40 8.50
C ASN A 307 8.45 20.71 9.83
N ASP A 308 7.29 21.36 9.77
CA ASP A 308 6.53 21.79 10.94
C ASP A 308 5.74 20.62 11.49
N LEU A 309 6.21 20.06 12.59
CA LEU A 309 5.57 18.90 13.18
C LEU A 309 4.61 19.27 14.32
N ASP A 310 4.54 20.53 14.71
CA ASP A 310 3.55 20.93 15.71
C ASP A 310 2.36 21.68 15.16
N HIS A 311 2.42 22.18 13.93
CA HIS A 311 1.30 22.86 13.30
C HIS A 311 0.93 22.17 11.98
N TYR A 312 -0.32 21.71 11.89
CA TYR A 312 -0.83 21.04 10.71
C TYR A 312 -1.47 22.04 9.76
N THR A 313 -1.19 21.86 8.47
CA THR A 313 -1.72 22.71 7.40
C THR A 313 -2.59 21.84 6.49
N PRO A 314 -3.90 21.80 6.69
CA PRO A 314 -4.75 20.90 5.88
C PRO A 314 -4.77 21.33 4.44
N PRO A 315 -5.19 20.46 3.51
CA PRO A 315 -5.20 20.84 2.08
C PRO A 315 -6.35 21.80 1.79
N ASP A 316 -6.03 22.99 1.29
CA ASP A 316 -7.07 24.00 1.07
C ASP A 316 -7.93 23.71 -0.16
N GLY A 317 -7.63 22.63 -0.91
CA GLY A 317 -8.47 22.20 -2.01
C GLY A 317 -8.18 22.84 -3.36
N SER A 318 -7.28 23.83 -3.41
CA SER A 318 -7.01 24.61 -4.61
C SER A 318 -6.27 23.82 -5.70
N LEU A 319 -5.84 22.60 -5.44
CA LEU A 319 -5.28 21.78 -6.50
C LEU A 319 -6.26 20.72 -7.02
N ASP A 320 -7.55 20.85 -6.71
CA ASP A 320 -8.53 19.82 -7.01
C ASP A 320 -9.40 20.15 -8.22
N VAL A 321 -8.96 21.09 -9.06
CA VAL A 321 -9.75 21.62 -10.17
C VAL A 321 -10.20 20.51 -11.13
N HIS A 322 -9.39 19.46 -11.29
CA HIS A 322 -9.78 18.41 -12.23
C HIS A 322 -10.80 17.45 -11.65
N LEU A 323 -11.07 17.51 -10.34
CA LEU A 323 -12.07 16.65 -9.72
C LEU A 323 -13.44 16.81 -10.38
N LYS A 324 -13.72 17.96 -11.00
CA LYS A 324 -15.02 17.69 -11.61
C LYS A 324 -15.09 18.01 -13.10
N ASP A 325 -13.97 17.67 -13.74
CA ASP A 325 -14.04 17.48 -15.19
C ASP A 325 -14.38 16.02 -15.51
N THR A 326 -15.70 15.78 -15.40
CA THR A 326 -16.37 14.48 -15.45
C THR A 326 -16.16 13.76 -16.79
N GLU A 327 -16.23 14.55 -17.86
CA GLU A 327 -16.12 13.95 -19.19
C GLU A 327 -14.69 13.47 -19.46
N THR A 328 -13.69 14.30 -19.14
CA THR A 328 -12.30 13.87 -19.32
C THR A 328 -11.98 12.63 -18.49
N ARG A 329 -12.42 12.62 -17.22
CA ARG A 329 -12.35 11.44 -16.37
C ARG A 329 -12.93 10.21 -17.08
N ALA A 330 -14.12 10.39 -17.68
CA ALA A 330 -14.76 9.26 -18.36
C ALA A 330 -13.93 8.77 -19.55
N MET A 331 -13.27 9.69 -20.23
CA MET A 331 -12.46 9.22 -21.38
C MET A 331 -11.21 8.50 -20.87
N ILE A 332 -10.56 8.95 -19.78
CA ILE A 332 -9.38 8.28 -19.15
C ILE A 332 -9.80 6.89 -18.67
N GLU A 333 -11.00 6.77 -18.15
CA GLU A 333 -11.45 5.48 -17.61
C GLU A 333 -11.82 4.50 -18.72
N LYS A 334 -12.11 4.98 -19.92
CA LYS A 334 -12.46 4.15 -21.09
C LYS A 334 -11.16 3.59 -21.67
N GLU A 335 -10.11 4.40 -21.58
CA GLU A 335 -8.77 4.02 -22.01
C GLU A 335 -8.34 2.87 -21.10
N ARG A 336 -8.51 3.07 -19.79
CA ARG A 336 -8.18 2.04 -18.80
C ARG A 336 -8.95 0.75 -19.11
N GLU A 337 -10.24 0.87 -19.34
CA GLU A 337 -11.09 -0.31 -19.58
C GLU A 337 -10.58 -1.12 -20.76
N GLU A 338 -10.22 -0.47 -21.86
CA GLU A 338 -9.64 -1.08 -23.05
C GLU A 338 -8.26 -1.68 -22.76
N LEU A 339 -7.43 -0.97 -22.01
CA LEU A 339 -6.07 -1.45 -21.67
C LEU A 339 -6.18 -2.65 -20.72
N VAL A 340 -7.20 -2.72 -19.88
CA VAL A 340 -7.39 -3.86 -19.00
C VAL A 340 -7.85 -5.08 -19.79
N GLU A 341 -8.77 -4.88 -20.73
CA GLU A 341 -9.24 -5.96 -21.59
C GLU A 341 -8.07 -6.57 -22.37
N GLN A 342 -7.28 -5.72 -23.02
CA GLN A 342 -6.12 -6.20 -23.76
C GLN A 342 -5.15 -6.95 -22.86
N PHE A 343 -4.91 -6.43 -21.66
CA PHE A 343 -3.99 -7.09 -20.75
C PHE A 343 -4.49 -8.49 -20.41
N LEU A 344 -5.78 -8.61 -20.07
CA LEU A 344 -6.36 -9.92 -19.77
C LEU A 344 -6.17 -10.88 -20.94
N THR A 345 -6.40 -10.41 -22.17
CA THR A 345 -6.30 -11.20 -23.40
C THR A 345 -4.92 -11.77 -23.59
N VAL A 346 -3.96 -10.85 -23.59
CA VAL A 346 -2.59 -11.27 -23.81
C VAL A 346 -2.11 -12.15 -22.66
N THR A 347 -2.61 -11.93 -21.43
CA THR A 347 -2.18 -12.75 -20.31
C THR A 347 -2.72 -14.17 -20.40
N ALA A 348 -3.96 -14.34 -20.82
CA ALA A 348 -4.43 -15.69 -21.15
C ALA A 348 -3.55 -16.32 -22.23
N GLN A 349 -3.35 -15.60 -23.34
CA GLN A 349 -2.46 -16.10 -24.39
C GLN A 349 -1.15 -16.61 -23.80
N TRP A 350 -0.50 -15.78 -22.98
CA TRP A 350 0.79 -16.13 -22.38
C TRP A 350 0.67 -17.26 -21.38
N ILE A 351 -0.50 -17.44 -20.79
CA ILE A 351 -0.70 -18.56 -19.87
C ILE A 351 -0.62 -19.88 -20.64
N GLU A 352 -1.37 -19.97 -21.74
CA GLU A 352 -1.42 -21.28 -22.37
C GLU A 352 -0.28 -21.53 -23.35
N HIS A 353 0.45 -20.50 -23.79
CA HIS A 353 1.48 -20.71 -24.80
C HIS A 353 2.64 -21.53 -24.26
N GLN A 354 3.10 -22.48 -25.09
CA GLN A 354 4.12 -23.49 -24.95
C GLN A 354 4.99 -23.42 -26.19
N PRO A 355 6.34 -23.40 -26.19
CA PRO A 355 7.27 -23.34 -25.06
C PRO A 355 7.78 -21.95 -24.68
N LEU A 356 8.67 -21.92 -23.69
CA LEU A 356 9.03 -20.61 -23.12
C LEU A 356 10.27 -20.00 -23.73
N ASN A 357 10.87 -20.63 -24.74
CA ASN A 357 11.88 -20.43 -25.78
C ASN A 357 11.38 -19.56 -26.92
N ASP A 358 10.12 -19.85 -27.22
CA ASP A 358 9.49 -19.46 -28.46
C ASP A 358 9.69 -17.97 -28.72
N PRO A 359 9.88 -17.55 -29.98
CA PRO A 359 9.86 -16.11 -30.25
C PRO A 359 8.49 -15.49 -29.99
N ALA A 360 7.43 -16.25 -30.31
CA ALA A 360 6.08 -15.85 -29.94
C ALA A 360 5.97 -15.61 -28.43
N TYR A 361 6.65 -16.43 -27.62
CA TYR A 361 6.67 -16.22 -26.18
C TYR A 361 7.36 -14.92 -25.83
N ILE A 362 8.47 -14.64 -26.50
CA ILE A 362 9.14 -13.35 -26.32
C ILE A 362 8.17 -12.21 -26.56
N GLN A 363 7.38 -12.29 -27.65
CA GLN A 363 6.45 -11.20 -27.96
C GLN A 363 5.34 -11.09 -26.93
N LEU A 364 4.82 -12.22 -26.45
CA LEU A 364 3.79 -12.15 -25.41
C LEU A 364 4.32 -11.47 -24.14
N GLN A 365 5.53 -11.83 -23.71
CA GLN A 365 6.14 -11.19 -22.55
C GLN A 365 6.28 -9.68 -22.76
N GLU A 366 6.80 -9.28 -23.93
CA GLU A 366 7.04 -7.86 -24.16
C GLU A 366 5.73 -7.09 -24.24
N LYS A 367 4.70 -7.71 -24.80
CA LYS A 367 3.41 -7.05 -24.88
C LYS A 367 2.82 -6.86 -23.49
N ARG A 368 2.92 -7.90 -22.65
CA ARG A 368 2.48 -7.76 -21.26
C ARG A 368 3.21 -6.61 -20.56
N VAL A 369 4.52 -6.49 -20.76
CA VAL A 369 5.25 -5.40 -20.10
C VAL A 369 4.80 -4.04 -20.65
N GLN A 370 4.56 -3.95 -21.97
CA GLN A 370 4.15 -2.64 -22.47
C GLN A 370 2.73 -2.31 -22.04
N LEU A 371 1.84 -3.30 -21.89
CA LEU A 371 0.50 -3.01 -21.39
C LEU A 371 0.52 -2.65 -19.92
N SER A 372 1.39 -3.29 -19.13
CA SER A 372 1.68 -2.93 -17.74
C SER A 372 2.07 -1.46 -17.63
N THR A 373 3.04 -1.08 -18.46
CA THR A 373 3.50 0.30 -18.48
C THR A 373 2.35 1.24 -18.83
N ALA A 374 1.58 0.86 -19.85
CA ALA A 374 0.46 1.69 -20.28
C ALA A 374 -0.58 1.86 -19.18
N LEU A 375 -0.78 0.81 -18.37
CA LEU A 375 -1.76 0.88 -17.29
C LEU A 375 -1.27 1.79 -16.17
N CYS A 376 0.02 1.70 -15.86
CA CYS A 376 0.52 2.64 -14.85
C CYS A 376 0.52 4.06 -15.38
N GLU A 377 0.80 4.31 -16.66
CA GLU A 377 0.72 5.68 -17.15
C GLU A 377 -0.72 6.17 -17.15
N ASN A 378 -1.66 5.31 -17.56
CA ASN A 378 -3.07 5.67 -17.52
C ASN A 378 -3.51 6.00 -16.11
N TYR A 379 -3.05 5.24 -15.10
CA TYR A 379 -3.39 5.64 -13.74
C TYR A 379 -2.79 7.00 -13.40
N SER A 380 -1.54 7.26 -13.80
CA SER A 380 -0.97 8.57 -13.52
C SER A 380 -1.83 9.69 -14.11
N LYS A 381 -2.37 9.46 -15.33
CA LYS A 381 -3.24 10.45 -15.95
C LYS A 381 -4.55 10.56 -15.20
N LEU A 382 -5.08 9.44 -14.72
CA LEU A 382 -6.37 9.43 -14.06
C LEU A 382 -6.30 10.04 -12.67
N ASP A 383 -5.11 10.09 -12.06
CA ASP A 383 -5.00 10.50 -10.66
C ASP A 383 -5.57 11.88 -10.36
N PRO A 384 -5.23 12.97 -11.08
CA PRO A 384 -5.84 14.27 -10.78
C PRO A 384 -7.36 14.29 -10.88
N TYR A 385 -7.98 13.24 -11.40
CA TYR A 385 -9.40 13.30 -11.72
C TYR A 385 -10.28 12.56 -10.74
N ILE A 386 -9.70 11.70 -9.92
CA ILE A 386 -10.45 10.94 -8.93
C ILE A 386 -9.98 11.21 -7.51
N ARG A 387 -8.75 11.67 -7.34
CA ARG A 387 -8.17 11.75 -5.99
C ARG A 387 -7.99 13.18 -5.51
N SER A 388 -8.61 13.50 -4.40
CA SER A 388 -8.46 14.79 -3.72
C SER A 388 -6.98 14.92 -3.33
N ARG A 389 -6.35 16.05 -3.53
CA ARG A 389 -4.94 16.23 -3.21
C ARG A 389 -4.69 16.23 -1.70
N SER A 390 -3.64 15.53 -1.33
CA SER A 390 -3.13 15.38 0.04
C SER A 390 -2.19 16.54 0.35
N VAL A 391 -1.95 16.73 1.62
CA VAL A 391 -1.02 17.78 2.12
C VAL A 391 0.33 17.58 1.40
N TYR A 392 0.63 16.37 0.98
CA TYR A 392 1.91 16.08 0.32
C TYR A 392 1.93 16.53 -1.14
N ASP A 393 0.77 16.54 -1.82
CA ASP A 393 0.73 17.11 -3.17
C ASP A 393 0.97 18.61 -3.13
N TYR A 394 0.59 19.29 -2.04
CA TYR A 394 0.74 20.74 -1.90
C TYR A 394 2.15 21.13 -1.49
N ASN A 395 2.76 20.41 -0.55
CA ASN A 395 4.08 20.80 -0.07
C ASN A 395 5.20 20.28 -0.97
N GLY A 396 4.86 19.78 -2.17
CA GLY A 396 5.83 19.42 -3.16
C GLY A 396 6.40 18.02 -3.04
N SER A 397 6.17 17.36 -1.92
CA SER A 397 6.80 16.04 -1.67
C SER A 397 6.21 14.91 -2.52
N LEU A 398 4.94 14.99 -2.89
CA LEU A 398 4.33 13.90 -3.68
C LEU A 398 4.05 14.30 -5.13
N LYS A 399 4.38 13.41 -6.05
CA LYS A 399 4.11 13.47 -7.51
C LYS A 399 3.67 12.07 -7.94
N VAL A 400 2.45 11.95 -8.46
CA VAL A 400 1.94 10.65 -8.95
C VAL A 400 2.33 10.53 -10.42
#